data_7T41
#
_entry.id   7T41
#
_cell.length_a   101.341
_cell.length_b   57.872
_cell.length_c   49.728
_cell.angle_alpha   90.00
_cell.angle_beta   112.06
_cell.angle_gamma   90.00
#
_symmetry.space_group_name_H-M   'C 1 2 1'
#
loop_
_entity.id
_entity.type
_entity.pdbx_description
1 polymer '3C-like proteinase'
2 non-polymer '(1R,2S)-2-{[N-({[1-(tert-butoxycarbonyl)azetidin-3-yl]methoxy}carbonyl)-L-leucyl]amino}-1-hydroxy-3-[(3R)-2-oxo-2,3-dihydro-1H-pyrrol-3-yl]propane-1-sulfonic acid'
3 non-polymer '(1S,2S)-2-{[N-({[1-(tert-butoxycarbonyl)azetidin-3-yl]methoxy}carbonyl)-L-leucyl]amino}-1-hydroxy-3-[(3R)-2-oxo-2,3-dihydro-1H-pyrrol-3-yl]propane-1-sulfonic acid'
4 water water
#
_entity_poly.entity_id   1
_entity_poly.type   'polypeptide(L)'
_entity_poly.pdbx_seq_one_letter_code
;MHHHHHHSGLVKMSHPSGDVEACMVQVTCGSMTLNGLWLDNTVWCPRHVMCPADQLSDPNYDALLISMTNHSFSVQKHIG
APANLRVVGHAMQGTLLKLTVDVANPSTPAYTFTTVKPGAAFSVLACYNGRPTGTFTVVMRPNYTIKGSFLCGSCGSVGY
TKEGSVINFCYMHQMELANGTHTGSAFDGTMYGAFMDKQVHQVQLTDKYCSVNVVAWLYAAILNGCAWFVKPNRTSVVSF
NEWALANQFTEFVGTQSVDMLAVKTGVAIEQLLYAIQQLYTGFQGKQILGSTMLEDEFTPEDVNMQIMGVVMQ
;
_entity_poly.pdbx_strand_id   A
#
# COMPACT_ATOMS: atom_id res chain seq x y z
N HIS A 6 11.56 -27.05 2.45
CA HIS A 6 11.94 -26.45 1.13
C HIS A 6 11.46 -25.01 1.13
N HIS A 7 12.42 -24.08 1.03
CA HIS A 7 12.10 -22.66 1.00
C HIS A 7 11.46 -22.30 -0.34
N SER A 8 10.32 -21.60 -0.28
CA SER A 8 9.54 -21.27 -1.46
C SER A 8 10.30 -20.39 -2.46
N GLY A 9 11.30 -19.63 -2.02
CA GLY A 9 11.83 -18.57 -2.86
C GLY A 9 11.01 -17.31 -2.83
N LEU A 10 9.97 -17.27 -2.00
CA LEU A 10 9.04 -16.14 -1.88
C LEU A 10 9.42 -15.27 -0.69
N VAL A 11 9.72 -13.99 -0.96
CA VAL A 11 10.05 -13.02 0.08
C VAL A 11 9.27 -11.72 -0.17
N LYS A 12 9.18 -10.90 0.88
CA LYS A 12 8.61 -9.58 0.76
C LYS A 12 9.61 -8.69 0.05
N MET A 13 9.28 -8.29 -1.17
CA MET A 13 10.23 -7.68 -2.08
C MET A 13 9.75 -6.30 -2.47
N SER A 14 10.58 -5.31 -2.26
CA SER A 14 10.31 -3.94 -2.61
C SER A 14 11.05 -3.54 -3.87
N HIS A 15 10.53 -2.53 -4.53
CA HIS A 15 11.26 -1.90 -5.62
C HIS A 15 12.49 -1.25 -5.04
N PRO A 16 13.56 -1.17 -5.82
CA PRO A 16 14.67 -0.32 -5.41
C PRO A 16 14.14 1.10 -5.24
N SER A 17 14.60 1.77 -4.18
CA SER A 17 14.03 3.04 -3.71
C SER A 17 14.77 4.26 -4.18
N GLY A 18 15.85 4.09 -4.94
CA GLY A 18 16.71 5.23 -5.26
C GLY A 18 15.97 6.37 -5.92
N ASP A 19 15.17 6.07 -6.96
CA ASP A 19 14.48 7.10 -7.74
C ASP A 19 13.56 7.96 -6.85
N VAL A 20 12.93 7.34 -5.85
CA VAL A 20 12.00 8.05 -4.99
C VAL A 20 12.77 8.81 -3.92
N GLU A 21 13.88 8.21 -3.48
CA GLU A 21 14.75 8.86 -2.51
C GLU A 21 15.15 10.27 -2.95
N ALA A 22 15.48 10.43 -4.23
CA ALA A 22 15.83 11.74 -4.78
C ALA A 22 14.65 12.71 -4.85
N CYS A 23 13.44 12.27 -4.51
CA CYS A 23 12.26 13.13 -4.54
C CYS A 23 11.73 13.56 -3.16
N MET A 24 12.37 13.12 -2.07
CA MET A 24 11.88 13.37 -0.72
C MET A 24 12.46 14.65 -0.13
N VAL A 25 11.59 15.45 0.51
CA VAL A 25 11.97 16.72 1.11
C VAL A 25 11.34 16.77 2.49
N GLN A 26 11.77 17.75 3.28
CA GLN A 26 11.18 18.07 4.55
C GLN A 26 10.31 19.30 4.38
N VAL A 27 9.11 19.25 4.95
CA VAL A 27 8.16 20.36 4.93
C VAL A 27 7.82 20.71 6.37
N THR A 28 7.98 21.96 6.70
CA THR A 28 7.70 22.46 8.03
C THR A 28 6.69 23.59 7.90
N CYS A 29 5.73 23.63 8.81
CA CYS A 29 4.80 24.76 8.88
C CYS A 29 4.54 24.96 10.37
N GLY A 30 5.05 26.06 10.93
CA GLY A 30 4.83 26.36 12.33
C GLY A 30 5.47 25.34 13.27
N SER A 31 4.63 24.72 14.09
CA SER A 31 5.04 23.72 15.08
C SER A 31 5.20 22.31 14.51
N MET A 32 5.02 22.11 13.21
CA MET A 32 4.87 20.79 12.63
C MET A 32 5.90 20.56 11.55
N THR A 33 6.48 19.35 11.54
CA THR A 33 7.41 18.93 10.51
C THR A 33 7.10 17.51 10.07
N LEU A 34 7.11 17.28 8.76
CA LEU A 34 6.87 15.96 8.18
C LEU A 34 7.50 15.94 6.79
N ASN A 35 7.18 14.92 5.99
CA ASN A 35 7.80 14.76 4.68
C ASN A 35 6.89 15.20 3.55
N GLY A 36 7.55 15.54 2.44
CA GLY A 36 6.88 15.83 1.20
C GLY A 36 7.57 15.13 0.02
N LEU A 37 6.89 15.17 -1.12
CA LEU A 37 7.32 14.55 -2.37
C LEU A 37 7.44 15.63 -3.44
N TRP A 38 8.67 15.84 -3.91
CA TRP A 38 9.02 16.93 -4.83
C TRP A 38 9.15 16.37 -6.25
N LEU A 39 8.15 16.64 -7.06
CA LEU A 39 8.15 16.27 -8.46
C LEU A 39 7.98 17.56 -9.26
N ASP A 40 8.82 17.76 -10.28
CA ASP A 40 8.68 18.97 -11.14
C ASP A 40 8.73 20.18 -10.20
N ASN A 41 7.82 21.15 -10.34
CA ASN A 41 7.78 22.32 -9.46
C ASN A 41 6.77 22.18 -8.33
N THR A 42 6.35 20.95 -8.02
CA THR A 42 5.32 20.71 -7.03
C THR A 42 5.84 19.83 -5.88
N VAL A 43 5.52 20.25 -4.65
CA VAL A 43 5.78 19.48 -3.44
C VAL A 43 4.44 19.10 -2.85
N TRP A 44 4.19 17.80 -2.73
CA TRP A 44 3.00 17.25 -2.08
C TRP A 44 3.31 16.84 -0.65
N CYS A 45 2.39 17.11 0.28
CA CYS A 45 2.58 16.72 1.68
C CYS A 45 1.21 16.67 2.36
N PRO A 46 1.12 16.04 3.53
CA PRO A 46 -0.20 15.94 4.18
C PRO A 46 -0.63 17.30 4.71
N ARG A 47 -1.92 17.55 4.66
CA ARG A 47 -2.36 18.89 5.02
C ARG A 47 -2.30 19.15 6.52
N HIS A 48 -2.21 18.10 7.36
CA HIS A 48 -2.15 18.37 8.81
C HIS A 48 -0.82 18.97 9.22
N VAL A 49 0.09 19.20 8.29
CA VAL A 49 1.26 19.98 8.63
C VAL A 49 0.87 21.40 9.04
N MET A 50 -0.22 21.94 8.46
CA MET A 50 -0.77 23.24 8.86
C MET A 50 -1.40 23.21 10.25
N CYS A 51 -1.64 22.05 10.79
CA CYS A 51 -2.48 22.01 11.98
C CYS A 51 -1.59 22.21 13.21
N PRO A 52 -1.97 23.07 14.16
CA PRO A 52 -1.16 23.24 15.36
C PRO A 52 -1.03 21.94 16.13
N ALA A 53 0.22 21.51 16.36
CA ALA A 53 0.49 20.25 17.03
C ALA A 53 -0.34 20.06 18.29
N ASP A 54 -0.94 21.13 18.83
CA ASP A 54 -1.78 21.09 20.01
C ASP A 54 -3.28 21.10 19.67
N GLN A 55 -3.65 20.78 18.42
CA GLN A 55 -5.05 20.85 17.99
C GLN A 55 -5.34 19.89 16.84
N LEU A 56 -4.58 18.80 16.74
CA LEU A 56 -4.76 17.81 15.67
C LEU A 56 -6.06 17.02 15.73
N SER A 57 -6.90 17.19 16.77
CA SER A 57 -8.10 16.36 16.94
C SER A 57 -9.05 16.43 15.74
N ASP A 58 -9.96 17.41 15.73
CA ASP A 58 -10.88 17.61 14.61
C ASP A 58 -10.67 18.99 13.99
N PRO A 59 -9.59 19.18 13.23
CA PRO A 59 -9.24 20.52 12.75
C PRO A 59 -10.10 21.00 11.60
N ASN A 60 -10.20 22.32 11.51
CA ASN A 60 -10.82 22.97 10.36
C ASN A 60 -9.70 23.35 9.41
N TYR A 61 -9.52 22.53 8.39
CA TYR A 61 -8.45 22.78 7.44
C TYR A 61 -8.76 23.93 6.50
N ASP A 62 -10.03 24.17 6.17
CA ASP A 62 -10.30 25.27 5.25
C ASP A 62 -9.82 26.58 5.85
N ALA A 63 -9.98 26.75 7.16
CA ALA A 63 -9.59 28.00 7.80
C ALA A 63 -8.08 28.07 8.01
N LEU A 64 -7.48 26.96 8.42
CA LEU A 64 -6.03 26.91 8.48
C LEU A 64 -5.42 27.26 7.15
N LEU A 65 -5.98 26.71 6.07
CA LEU A 65 -5.45 27.00 4.73
C LEU A 65 -5.44 28.50 4.46
N ILE A 66 -6.58 29.14 4.64
CA ILE A 66 -6.70 30.57 4.39
C ILE A 66 -5.71 31.36 5.22
N SER A 67 -5.45 30.91 6.44
CA SER A 67 -4.52 31.63 7.32
C SER A 67 -3.07 31.56 6.83
N MET A 68 -2.72 30.64 5.94
CA MET A 68 -1.35 30.50 5.49
C MET A 68 -1.03 31.42 4.29
N THR A 69 0.20 31.88 4.24
CA THR A 69 0.81 32.49 3.06
C THR A 69 1.95 31.60 2.59
N ASN A 70 2.56 31.96 1.46
CA ASN A 70 3.65 31.13 0.93
C ASN A 70 4.78 30.99 1.94
N HIS A 71 5.12 32.07 2.66
CA HIS A 71 6.19 32.06 3.66
C HIS A 71 5.86 31.23 4.89
N SER A 72 4.59 30.83 5.09
CA SER A 72 4.22 29.92 6.17
C SER A 72 4.76 28.50 5.99
N PHE A 73 5.28 28.18 4.80
CA PHE A 73 5.80 26.85 4.49
C PHE A 73 7.30 26.92 4.23
N SER A 74 8.02 25.96 4.76
CA SER A 74 9.46 25.83 4.56
C SER A 74 9.75 24.43 4.07
N VAL A 75 10.35 24.35 2.89
CA VAL A 75 10.68 23.11 2.21
C VAL A 75 12.20 22.98 2.16
N GLN A 76 12.72 21.84 2.61
CA GLN A 76 14.17 21.62 2.71
C GLN A 76 14.50 20.25 2.16
N LYS A 77 15.48 20.18 1.27
CA LYS A 77 16.06 18.93 0.80
C LYS A 77 17.34 18.65 1.56
N HIS A 78 17.48 17.43 2.07
CA HIS A 78 18.69 17.04 2.82
C HIS A 78 19.67 16.16 2.02
N ALA A 83 19.19 21.78 0.85
CA ALA A 83 18.75 22.96 0.11
C ALA A 83 17.42 23.48 0.62
N ASN A 84 17.19 24.78 0.45
CA ASN A 84 15.89 25.39 0.71
C ASN A 84 15.21 25.66 -0.61
N LEU A 85 13.99 25.16 -0.76
CA LEU A 85 13.15 25.41 -1.93
C LEU A 85 12.15 26.51 -1.56
N ARG A 86 12.23 27.65 -2.22
CA ARG A 86 11.30 28.75 -1.96
C ARG A 86 9.89 28.39 -2.45
N VAL A 87 8.91 28.49 -1.55
CA VAL A 87 7.50 28.26 -1.90
C VAL A 87 6.93 29.50 -2.57
N VAL A 88 6.38 29.33 -3.78
CA VAL A 88 5.75 30.41 -4.54
C VAL A 88 4.30 30.12 -4.86
N GLY A 89 3.70 29.13 -4.20
CA GLY A 89 2.29 28.84 -4.40
C GLY A 89 1.84 27.76 -3.44
N HIS A 90 0.62 27.85 -2.91
CA HIS A 90 0.11 26.80 -2.03
C HIS A 90 -1.35 26.54 -2.36
N ALA A 91 -1.72 25.25 -2.41
CA ALA A 91 -3.09 24.84 -2.61
C ALA A 91 -3.39 23.56 -1.84
N MET A 92 -4.69 23.31 -1.63
CA MET A 92 -5.17 22.13 -0.92
C MET A 92 -6.05 21.33 -1.85
N GLN A 93 -5.75 20.03 -1.99
CA GLN A 93 -6.55 19.07 -2.73
C GLN A 93 -6.86 17.91 -1.77
N GLY A 94 -8.07 17.94 -1.23
CA GLY A 94 -8.49 16.94 -0.28
C GLY A 94 -7.60 16.97 0.94
N THR A 95 -6.96 15.84 1.24
CA THR A 95 -6.16 15.72 2.44
C THR A 95 -4.69 16.03 2.19
N LEU A 96 -4.36 16.60 1.03
CA LEU A 96 -2.97 16.88 0.67
C LEU A 96 -2.82 18.36 0.37
N LEU A 97 -1.63 18.88 0.64
CA LEU A 97 -1.24 20.17 0.10
C LEU A 97 -0.42 19.98 -1.17
N LYS A 98 -0.52 20.96 -2.03
CA LYS A 98 0.22 21.05 -3.27
C LYS A 98 0.92 22.39 -3.15
N LEU A 99 2.21 22.35 -2.84
CA LEU A 99 3.03 23.55 -2.78
C LEU A 99 3.78 23.67 -4.08
N THR A 100 3.73 24.84 -4.69
CA THR A 100 4.55 25.13 -5.86
C THR A 100 5.83 25.79 -5.38
N VAL A 101 6.97 25.27 -5.86
CA VAL A 101 8.25 25.87 -5.52
C VAL A 101 8.90 26.41 -6.78
N ASP A 102 9.91 27.27 -6.57
CA ASP A 102 10.58 27.96 -7.66
C ASP A 102 11.60 27.10 -8.43
N VAL A 103 12.07 26.00 -7.86
CA VAL A 103 13.02 25.10 -8.53
C VAL A 103 12.31 23.80 -8.90
N ALA A 104 12.45 23.38 -10.14
CA ALA A 104 12.00 22.05 -10.54
C ALA A 104 13.03 20.98 -10.12
N ASN A 105 12.53 19.81 -9.71
CA ASN A 105 13.42 18.76 -9.22
C ASN A 105 14.18 18.15 -10.39
N PRO A 106 15.50 18.30 -10.46
CA PRO A 106 16.22 17.76 -11.62
C PRO A 106 16.27 16.24 -11.61
N SER A 107 15.95 15.60 -10.47
CA SER A 107 15.93 14.15 -10.38
C SER A 107 14.53 13.58 -10.52
N THR A 108 13.58 14.41 -10.94
CA THR A 108 12.20 13.98 -11.14
C THR A 108 12.16 12.79 -12.11
N PRO A 109 11.69 11.62 -11.67
CA PRO A 109 11.55 10.48 -12.59
C PRO A 109 10.29 10.59 -13.46
N ALA A 110 10.25 9.71 -14.47
CA ALA A 110 9.02 9.42 -15.18
C ALA A 110 8.02 8.87 -14.19
N TYR A 111 6.82 9.46 -14.15
CA TYR A 111 5.87 9.03 -13.13
C TYR A 111 4.44 9.25 -13.55
N THR A 112 3.58 8.52 -12.86
CA THR A 112 2.15 8.74 -12.84
C THR A 112 1.69 8.67 -11.39
N PHE A 113 0.44 9.11 -11.19
CA PHE A 113 -0.36 8.81 -10.01
C PHE A 113 -1.35 7.71 -10.33
N THR A 114 -1.65 6.90 -9.33
CA THR A 114 -2.64 5.83 -9.47
C THR A 114 -3.19 5.49 -8.09
N THR A 115 -4.24 4.68 -8.09
CA THR A 115 -4.88 4.25 -6.85
C THR A 115 -4.77 2.73 -6.76
N VAL A 116 -4.27 2.26 -5.70
CA VAL A 116 -4.05 0.85 -5.50
C VAL A 116 -5.32 0.25 -4.91
N LYS A 117 -5.57 -1.00 -5.26
CA LYS A 117 -6.78 -1.71 -4.90
C LYS A 117 -6.52 -2.82 -3.88
N PRO A 118 -7.51 -3.19 -3.10
CA PRO A 118 -7.29 -4.20 -2.08
C PRO A 118 -6.69 -5.45 -2.71
N GLY A 119 -5.76 -6.06 -2.00
CA GLY A 119 -5.06 -7.21 -2.50
C GLY A 119 -3.78 -6.90 -3.23
N ALA A 120 -3.63 -5.68 -3.75
CA ALA A 120 -2.43 -5.33 -4.50
C ALA A 120 -1.33 -4.81 -3.59
N ALA A 121 -0.10 -5.14 -3.95
CA ALA A 121 1.13 -4.85 -3.25
C ALA A 121 1.72 -3.53 -3.74
N PHE A 122 2.44 -2.85 -2.84
CA PHE A 122 3.20 -1.68 -3.26
C PHE A 122 4.35 -1.45 -2.29
N SER A 123 5.33 -0.70 -2.75
CA SER A 123 6.54 -0.45 -1.97
C SER A 123 6.38 0.88 -1.24
N VAL A 124 6.94 0.95 -0.04
CA VAL A 124 6.90 2.14 0.79
C VAL A 124 8.32 2.56 1.16
N LEU A 125 8.56 3.85 1.06
CA LEU A 125 9.78 4.50 1.55
C LEU A 125 9.43 5.28 2.83
N ALA A 126 9.81 4.74 3.97
CA ALA A 126 9.55 5.38 5.24
C ALA A 126 10.62 6.43 5.47
N CYS A 127 10.21 7.68 5.63
CA CYS A 127 11.13 8.77 5.88
C CYS A 127 10.72 9.53 7.14
N TYR A 128 11.73 10.13 7.78
CA TYR A 128 11.61 11.02 8.91
C TYR A 128 12.39 12.29 8.62
N ASN A 129 11.76 13.44 8.82
CA ASN A 129 12.47 14.71 8.59
C ASN A 129 13.02 14.83 7.18
N GLY A 130 12.28 14.34 6.18
CA GLY A 130 12.82 14.39 4.83
C GLY A 130 13.94 13.40 4.55
N ARG A 131 14.26 12.52 5.48
CA ARG A 131 15.39 11.61 5.34
C ARG A 131 14.88 10.16 5.23
N PRO A 132 15.11 9.49 4.10
CA PRO A 132 14.67 8.09 3.98
C PRO A 132 15.37 7.17 4.96
N THR A 133 14.58 6.31 5.64
CA THR A 133 15.12 5.47 6.68
C THR A 133 14.86 3.97 6.48
N GLY A 134 13.86 3.59 5.71
CA GLY A 134 13.73 2.20 5.34
C GLY A 134 12.71 2.04 4.24
N THR A 135 12.70 0.85 3.67
CA THR A 135 11.71 0.51 2.66
C THR A 135 11.13 -0.86 2.98
N PHE A 136 9.86 -1.04 2.62
CA PHE A 136 9.15 -2.28 2.86
C PHE A 136 7.99 -2.34 1.87
N THR A 137 7.38 -3.50 1.76
CA THR A 137 6.25 -3.67 0.87
C THR A 137 5.06 -4.20 1.63
N VAL A 138 3.87 -3.71 1.25
CA VAL A 138 2.62 -4.06 1.90
C VAL A 138 1.57 -4.36 0.85
N VAL A 139 0.50 -4.99 1.29
CA VAL A 139 -0.70 -5.20 0.51
C VAL A 139 -1.80 -4.29 1.07
N MET A 140 -2.56 -3.64 0.17
CA MET A 140 -3.72 -2.84 0.60
C MET A 140 -4.78 -3.77 1.12
N ARG A 141 -5.07 -3.72 2.42
CA ARG A 141 -6.06 -4.64 2.97
C ARG A 141 -7.46 -4.32 2.44
N PRO A 142 -8.35 -5.32 2.44
CA PRO A 142 -9.75 -5.10 2.04
C PRO A 142 -10.49 -4.04 2.85
N ASN A 143 -10.05 -3.68 4.05
CA ASN A 143 -10.65 -2.56 4.76
C ASN A 143 -9.87 -1.27 4.58
N TYR A 144 -8.99 -1.22 3.57
CA TYR A 144 -8.27 0.00 3.16
C TYR A 144 -7.33 0.56 4.24
N THR A 145 -6.77 -0.33 5.02
CA THR A 145 -5.57 -0.10 5.82
C THR A 145 -4.42 -0.91 5.23
N ILE A 146 -3.21 -0.62 5.70
CA ILE A 146 -2.03 -1.43 5.45
C ILE A 146 -1.37 -1.72 6.78
N LYS A 147 -0.70 -2.85 6.83
CA LYS A 147 0.04 -3.29 8.00
C LYS A 147 1.48 -2.82 7.84
N GLY A 148 1.73 -1.56 8.17
CA GLY A 148 3.01 -0.95 7.97
C GLY A 148 3.83 -0.79 9.24
N SER A 149 4.85 0.05 9.15
CA SER A 149 5.77 0.29 10.26
C SER A 149 6.10 1.77 10.13
N PHE A 150 5.36 2.57 10.90
CA PHE A 150 5.31 4.04 10.83
C PHE A 150 5.28 4.58 12.25
N LEU A 151 6.14 5.55 12.54
CA LEU A 151 6.18 6.19 13.84
C LEU A 151 5.87 7.68 13.67
N CYS A 152 5.85 8.40 14.79
CA CYS A 152 5.68 9.85 14.71
C CYS A 152 6.74 10.48 13.79
N GLY A 153 6.29 11.46 12.99
CA GLY A 153 7.17 12.11 12.03
C GLY A 153 7.29 11.43 10.66
N SER A 154 6.57 10.34 10.42
CA SER A 154 6.66 9.58 9.17
C SER A 154 5.58 9.97 8.15
N CYS A 155 4.63 10.84 8.52
CA CYS A 155 3.65 11.26 7.55
C CYS A 155 4.34 11.90 6.35
N GLY A 156 3.71 11.73 5.20
CA GLY A 156 4.32 12.14 3.99
C GLY A 156 5.18 11.07 3.35
N SER A 157 5.44 9.98 4.05
CA SER A 157 6.13 8.87 3.40
C SER A 157 5.26 8.39 2.25
N VAL A 158 5.88 7.83 1.20
CA VAL A 158 5.10 7.52 0.00
C VAL A 158 5.19 6.05 -0.33
N GLY A 159 4.13 5.58 -0.95
CA GLY A 159 4.07 4.23 -1.45
C GLY A 159 3.89 4.31 -2.95
N TYR A 160 4.44 3.33 -3.65
CA TYR A 160 4.50 3.43 -5.10
C TYR A 160 4.67 2.03 -5.67
N THR A 161 4.24 1.90 -6.91
CA THR A 161 4.56 0.75 -7.74
C THR A 161 5.41 1.26 -8.89
N LYS A 162 6.01 0.33 -9.63
CA LYS A 162 6.80 0.65 -10.81
C LYS A 162 6.41 -0.24 -11.99
N GLU A 163 6.24 0.36 -13.16
CA GLU A 163 6.03 -0.36 -14.42
C GLU A 163 7.11 0.12 -15.38
N GLY A 164 8.14 -0.70 -15.53
CA GLY A 164 9.23 -0.35 -16.39
C GLY A 164 10.05 0.68 -15.70
N SER A 165 10.26 1.79 -16.37
CA SER A 165 10.97 2.89 -15.76
C SER A 165 10.05 3.89 -15.04
N VAL A 166 8.72 3.74 -15.16
CA VAL A 166 7.77 4.75 -14.68
C VAL A 166 7.32 4.43 -13.26
N ILE A 167 7.46 5.40 -12.36
CA ILE A 167 7.07 5.23 -10.96
C ILE A 167 5.62 5.67 -10.81
N ASN A 168 4.77 4.78 -10.28
CA ASN A 168 3.33 5.05 -10.10
C ASN A 168 3.08 5.29 -8.61
N PHE A 169 2.96 6.56 -8.25
CA PHE A 169 2.76 6.91 -6.85
C PHE A 169 1.31 6.64 -6.47
N CYS A 170 1.11 5.90 -5.36
CA CYS A 170 -0.24 5.51 -4.97
C CYS A 170 -0.59 5.81 -3.51
N TYR A 171 0.34 6.32 -2.71
CA TYR A 171 0.02 6.42 -1.31
C TYR A 171 0.91 7.45 -0.65
N MET A 172 0.31 8.30 0.17
CA MET A 172 1.01 9.21 1.04
C MET A 172 0.50 9.00 2.46
N HIS A 173 1.40 8.63 3.36
CA HIS A 173 0.99 8.14 4.67
C HIS A 173 0.40 9.27 5.51
N GLN A 174 -0.71 8.97 6.24
CA GLN A 174 -1.41 9.97 7.09
C GLN A 174 -1.55 9.57 8.55
N MET A 175 -1.86 8.32 8.88
CA MET A 175 -2.21 8.06 10.28
C MET A 175 -2.09 6.60 10.64
N GLU A 176 -2.06 6.38 11.95
CA GLU A 176 -2.21 5.07 12.55
C GLU A 176 -3.59 4.93 13.19
N LEU A 177 -4.22 3.77 13.00
CA LEU A 177 -5.48 3.46 13.66
C LEU A 177 -5.23 2.76 15.01
N ALA A 178 -6.29 2.66 15.81
CA ALA A 178 -6.15 2.13 17.15
C ALA A 178 -5.60 0.72 17.16
N ASN A 179 -5.85 -0.05 16.10
CA ASN A 179 -5.36 -1.42 16.04
C ASN A 179 -3.96 -1.53 15.45
N GLY A 180 -3.20 -0.43 15.38
CA GLY A 180 -1.84 -0.49 14.89
C GLY A 180 -1.65 -0.55 13.38
N THR A 181 -2.73 -0.64 12.59
CA THR A 181 -2.61 -0.56 11.14
C THR A 181 -2.64 0.91 10.71
N HIS A 182 -2.35 1.11 9.42
CA HIS A 182 -2.07 2.46 8.93
C HIS A 182 -2.93 2.80 7.70
N THR A 183 -3.17 4.09 7.47
CA THR A 183 -3.78 4.48 6.21
C THR A 183 -3.28 5.86 5.79
N GLY A 184 -3.69 6.23 4.59
CA GLY A 184 -3.24 7.49 4.05
C GLY A 184 -4.03 7.84 2.83
N SER A 185 -3.46 8.69 2.00
CA SER A 185 -4.13 9.24 0.85
C SER A 185 -3.55 8.75 -0.47
N ALA A 186 -4.39 8.84 -1.48
CA ALA A 186 -4.01 8.90 -2.87
C ALA A 186 -3.63 10.34 -3.25
N PHE A 187 -3.00 10.49 -4.41
CA PHE A 187 -2.48 11.80 -4.81
C PHE A 187 -3.54 12.65 -5.50
N ASP A 188 -4.75 12.10 -5.61
CA ASP A 188 -5.92 12.91 -5.85
C ASP A 188 -6.46 13.53 -4.56
N GLY A 189 -5.81 13.33 -3.42
CA GLY A 189 -6.26 13.91 -2.16
C GLY A 189 -7.29 13.10 -1.37
N THR A 190 -7.83 12.05 -1.94
CA THR A 190 -8.76 11.21 -1.19
C THR A 190 -8.00 10.27 -0.24
N MET A 191 -8.56 10.08 0.96
CA MET A 191 -8.12 8.99 1.81
C MET A 191 -8.64 7.67 1.28
N TYR A 192 -7.82 6.64 1.41
CA TYR A 192 -8.31 5.28 1.21
C TYR A 192 -9.34 4.92 2.27
N GLY A 193 -10.33 4.16 1.86
CA GLY A 193 -11.50 3.84 2.68
C GLY A 193 -12.41 5.03 2.97
N ALA A 194 -13.08 4.93 4.11
CA ALA A 194 -13.95 5.96 4.66
C ALA A 194 -13.26 6.76 5.75
N PHE A 195 -11.95 6.66 5.83
CA PHE A 195 -11.16 7.35 6.84
C PHE A 195 -11.06 8.85 6.58
N MET A 196 -10.99 9.61 7.66
CA MET A 196 -10.74 11.05 7.65
C MET A 196 -9.42 11.34 8.36
N ASP A 197 -8.74 12.40 7.92
CA ASP A 197 -7.47 12.78 8.55
C ASP A 197 -7.78 13.63 9.79
N LYS A 198 -8.39 12.96 10.76
CA LYS A 198 -8.77 13.54 12.05
C LYS A 198 -8.36 12.56 13.14
N GLN A 199 -7.78 13.09 14.20
CA GLN A 199 -7.27 12.30 15.33
C GLN A 199 -8.40 12.08 16.35
N VAL A 200 -9.45 11.41 15.88
CA VAL A 200 -10.62 11.07 16.68
C VAL A 200 -10.99 9.60 16.43
N HIS A 201 -11.94 9.11 17.23
CA HIS A 201 -12.45 7.76 17.04
C HIS A 201 -13.15 7.65 15.70
N GLN A 202 -12.76 6.63 14.95
CA GLN A 202 -13.35 6.34 13.66
C GLN A 202 -13.63 4.85 13.63
N VAL A 203 -14.80 4.51 13.12
CA VAL A 203 -15.11 3.12 12.84
C VAL A 203 -14.01 2.58 11.95
N GLN A 204 -13.81 1.28 12.02
CA GLN A 204 -12.93 0.60 11.09
C GLN A 204 -13.68 -0.56 10.49
N LEU A 205 -13.61 -0.69 9.17
CA LEU A 205 -14.24 -1.82 8.50
C LEU A 205 -13.52 -3.10 8.90
N THR A 206 -14.20 -4.23 8.72
CA THR A 206 -13.57 -5.51 9.01
C THR A 206 -12.60 -5.88 7.89
N ASP A 207 -11.45 -6.42 8.28
CA ASP A 207 -10.52 -6.99 7.31
C ASP A 207 -11.09 -8.32 6.78
N LYS A 208 -10.41 -8.86 5.76
CA LYS A 208 -10.78 -10.11 5.10
C LYS A 208 -9.54 -10.72 4.46
N TYR A 209 -9.56 -12.03 4.28
CA TYR A 209 -8.55 -12.71 3.47
C TYR A 209 -8.73 -12.29 2.02
N CYS A 210 -7.63 -12.07 1.29
CA CYS A 210 -7.71 -11.77 -0.14
C CYS A 210 -7.61 -13.09 -0.87
N SER A 211 -8.77 -13.59 -1.30
CA SER A 211 -8.87 -14.88 -1.96
C SER A 211 -7.87 -15.05 -3.10
N VAL A 212 -7.72 -14.03 -3.93
CA VAL A 212 -6.85 -14.16 -5.08
C VAL A 212 -5.41 -14.40 -4.63
N ASN A 213 -4.97 -13.69 -3.58
CA ASN A 213 -3.62 -13.87 -3.06
C ASN A 213 -3.47 -15.20 -2.34
N VAL A 214 -4.54 -15.69 -1.70
CA VAL A 214 -4.46 -17.05 -1.16
C VAL A 214 -4.26 -18.06 -2.29
N VAL A 215 -5.04 -17.95 -3.36
CA VAL A 215 -4.85 -18.83 -4.50
C VAL A 215 -3.40 -18.76 -4.98
N ALA A 216 -2.86 -17.54 -5.14
CA ALA A 216 -1.46 -17.40 -5.58
C ALA A 216 -0.52 -18.19 -4.67
N TRP A 217 -0.75 -18.13 -3.37
CA TRP A 217 0.10 -18.75 -2.39
C TRP A 217 0.08 -20.26 -2.53
N LEU A 218 -1.12 -20.83 -2.67
CA LEU A 218 -1.22 -22.26 -2.88
C LEU A 218 -0.54 -22.68 -4.17
N TYR A 219 -0.66 -21.88 -5.24
CA TYR A 219 0.09 -22.19 -6.46
C TYR A 219 1.60 -22.18 -6.16
N ALA A 220 2.08 -21.19 -5.41
CA ALA A 220 3.50 -21.15 -5.06
C ALA A 220 3.93 -22.43 -4.38
N ALA A 221 3.09 -22.93 -3.49
CA ALA A 221 3.40 -24.16 -2.80
C ALA A 221 3.54 -25.33 -3.77
N ILE A 222 2.62 -25.43 -4.74
CA ILE A 222 2.71 -26.49 -5.76
C ILE A 222 4.01 -26.35 -6.55
N LEU A 223 4.34 -25.13 -6.97
CA LEU A 223 5.57 -24.89 -7.70
C LEU A 223 6.78 -25.24 -6.90
N ASN A 224 6.63 -25.37 -5.58
CA ASN A 224 7.70 -25.80 -4.71
C ASN A 224 7.55 -27.25 -4.31
N GLY A 225 6.64 -27.99 -4.95
CA GLY A 225 6.50 -29.40 -4.71
C GLY A 225 5.54 -29.77 -3.59
N CYS A 226 4.91 -28.80 -2.95
CA CYS A 226 4.01 -29.03 -1.84
C CYS A 226 2.56 -28.94 -2.35
N ALA A 227 1.91 -30.11 -2.55
CA ALA A 227 0.62 -30.21 -3.22
C ALA A 227 -0.37 -31.18 -2.53
N TRP A 228 -0.18 -31.49 -1.24
CA TRP A 228 -1.06 -32.46 -0.59
C TRP A 228 -2.50 -31.99 -0.50
N PHE A 229 -2.72 -30.68 -0.42
CA PHE A 229 -4.06 -30.09 -0.32
C PHE A 229 -4.82 -30.13 -1.64
N VAL A 230 -4.22 -30.60 -2.73
CA VAL A 230 -4.87 -30.61 -4.03
C VAL A 230 -5.68 -31.89 -4.17
N LYS A 231 -7.00 -31.75 -4.32
CA LYS A 231 -7.84 -32.89 -4.66
C LYS A 231 -8.48 -32.66 -6.03
N PRO A 232 -9.09 -33.68 -6.65
CA PRO A 232 -9.79 -33.44 -7.91
C PRO A 232 -11.09 -32.65 -7.73
N ASN A 233 -11.60 -32.55 -6.49
CA ASN A 233 -12.79 -31.78 -6.16
C ASN A 233 -12.65 -30.31 -6.53
N ARG A 234 -13.78 -29.69 -6.86
CA ARG A 234 -13.79 -28.35 -7.43
C ARG A 234 -14.96 -27.58 -6.87
N THR A 235 -14.70 -26.30 -6.60
CA THR A 235 -15.74 -25.31 -6.34
C THR A 235 -15.68 -24.32 -7.48
N SER A 236 -16.84 -23.95 -8.02
CA SER A 236 -16.84 -22.94 -9.05
C SER A 236 -16.54 -21.57 -8.44
N VAL A 237 -16.23 -20.61 -9.31
CA VAL A 237 -15.94 -19.26 -8.84
C VAL A 237 -17.19 -18.67 -8.20
N VAL A 238 -18.35 -18.91 -8.80
CA VAL A 238 -19.60 -18.35 -8.29
C VAL A 238 -19.94 -18.93 -6.92
N SER A 239 -19.78 -20.25 -6.75
CA SER A 239 -20.11 -20.86 -5.45
C SER A 239 -19.07 -20.50 -4.39
N PHE A 240 -17.79 -20.39 -4.77
CA PHE A 240 -16.82 -19.84 -3.83
C PHE A 240 -17.23 -18.46 -3.36
N ASN A 241 -17.58 -17.57 -4.28
CA ASN A 241 -17.87 -16.20 -3.91
C ASN A 241 -19.07 -16.09 -2.97
N GLU A 242 -20.09 -16.93 -3.17
CA GLU A 242 -21.18 -16.96 -2.20
C GLU A 242 -20.68 -17.40 -0.83
N TRP A 243 -19.90 -18.48 -0.78
CA TRP A 243 -19.23 -18.90 0.46
C TRP A 243 -18.42 -17.76 1.06
N ALA A 244 -17.64 -17.09 0.22
CA ALA A 244 -16.70 -16.08 0.71
C ALA A 244 -17.40 -15.01 1.53
N LEU A 245 -18.56 -14.54 1.05
CA LEU A 245 -19.26 -13.47 1.74
C LEU A 245 -19.61 -13.87 3.16
N ALA A 246 -19.94 -15.13 3.37
CA ALA A 246 -20.28 -15.63 4.69
C ALA A 246 -19.06 -15.92 5.56
N ASN A 247 -17.83 -15.77 5.05
CA ASN A 247 -16.65 -16.32 5.72
C ASN A 247 -15.47 -15.34 5.81
N GLN A 248 -15.67 -14.06 5.50
CA GLN A 248 -14.62 -13.04 5.63
C GLN A 248 -13.44 -13.33 4.69
N PHE A 249 -13.75 -13.87 3.51
CA PHE A 249 -12.87 -13.83 2.36
C PHE A 249 -13.42 -12.78 1.39
N THR A 250 -12.54 -12.16 0.62
CA THR A 250 -13.00 -11.38 -0.53
C THR A 250 -13.53 -12.32 -1.58
N GLU A 251 -14.38 -11.80 -2.43
CA GLU A 251 -14.78 -12.57 -3.60
C GLU A 251 -13.62 -12.69 -4.58
N PHE A 252 -13.52 -13.83 -5.22
CA PHE A 252 -12.42 -14.08 -6.11
C PHE A 252 -12.71 -13.56 -7.52
N VAL A 253 -11.70 -12.93 -8.10
CA VAL A 253 -11.72 -12.37 -9.42
C VAL A 253 -10.38 -12.73 -10.04
N GLY A 254 -10.39 -13.62 -11.01
CA GLY A 254 -9.17 -14.07 -11.60
C GLY A 254 -8.55 -13.06 -12.53
N THR A 255 -7.29 -13.31 -12.85
CA THR A 255 -6.51 -12.42 -13.69
C THR A 255 -5.70 -13.30 -14.63
N GLN A 256 -5.01 -12.66 -15.58
CA GLN A 256 -4.14 -13.41 -16.48
C GLN A 256 -2.97 -14.01 -15.72
N SER A 257 -2.50 -13.33 -14.66
CA SER A 257 -1.38 -13.84 -13.89
C SER A 257 -1.76 -15.10 -13.14
N VAL A 258 -3.00 -15.19 -12.67
CA VAL A 258 -3.44 -16.44 -12.08
C VAL A 258 -3.57 -17.50 -13.14
N ASP A 259 -4.07 -17.14 -14.31
CA ASP A 259 -4.18 -18.14 -15.37
C ASP A 259 -2.81 -18.74 -15.69
N MET A 260 -1.75 -17.90 -15.77
CA MET A 260 -0.40 -18.42 -16.04
C MET A 260 -0.02 -19.50 -15.03
N LEU A 261 -0.29 -19.26 -13.74
CA LEU A 261 0.07 -20.21 -12.69
C LEU A 261 -0.69 -21.51 -12.84
N ALA A 262 -2.00 -21.41 -13.13
CA ALA A 262 -2.82 -22.56 -13.48
C ALA A 262 -2.22 -23.36 -14.64
N VAL A 263 -1.66 -22.67 -15.62
CA VAL A 263 -1.09 -23.38 -16.76
C VAL A 263 0.25 -24.03 -16.40
N LYS A 264 1.16 -23.28 -15.78
CA LYS A 264 2.44 -23.84 -15.37
C LYS A 264 2.26 -25.08 -14.49
N THR A 265 1.25 -25.10 -13.63
CA THR A 265 1.12 -26.20 -12.70
C THR A 265 0.19 -27.30 -13.16
N GLY A 266 -0.70 -27.04 -14.11
CA GLY A 266 -1.75 -28.00 -14.43
C GLY A 266 -2.79 -28.18 -13.36
N VAL A 267 -2.97 -27.20 -12.48
CA VAL A 267 -3.94 -27.30 -11.40
C VAL A 267 -4.89 -26.13 -11.54
N ALA A 268 -6.19 -26.42 -11.52
CA ALA A 268 -7.20 -25.43 -11.89
C ALA A 268 -7.54 -24.57 -10.70
N ILE A 269 -7.83 -23.30 -11.00
CA ILE A 269 -8.28 -22.37 -9.97
C ILE A 269 -9.33 -23.02 -9.10
N GLU A 270 -10.26 -23.75 -9.74
CA GLU A 270 -11.44 -24.23 -9.02
C GLU A 270 -11.07 -25.33 -8.03
N GLN A 271 -9.99 -26.07 -8.29
CA GLN A 271 -9.46 -27.02 -7.30
C GLN A 271 -8.88 -26.31 -6.10
N LEU A 272 -8.19 -25.17 -6.30
CA LEU A 272 -7.66 -24.44 -5.14
C LEU A 272 -8.76 -23.69 -4.37
N LEU A 273 -9.83 -23.23 -5.03
CA LEU A 273 -10.97 -22.68 -4.29
C LEU A 273 -11.57 -23.71 -3.33
N TYR A 274 -11.77 -24.92 -3.82
CA TYR A 274 -12.19 -26.01 -2.94
C TYR A 274 -11.20 -26.20 -1.81
N ALA A 275 -9.90 -26.33 -2.14
CA ALA A 275 -8.89 -26.46 -1.10
C ALA A 275 -9.00 -25.34 -0.04
N ILE A 276 -9.20 -24.10 -0.46
CA ILE A 276 -9.31 -23.01 0.52
C ILE A 276 -10.48 -23.27 1.46
N GLN A 277 -11.63 -23.65 0.89
CA GLN A 277 -12.81 -23.89 1.72
C GLN A 277 -12.52 -24.93 2.79
N GLN A 278 -11.71 -25.95 2.46
CA GLN A 278 -11.37 -27.00 3.43
C GLN A 278 -10.28 -26.54 4.41
N LEU A 279 -9.17 -25.99 3.90
CA LEU A 279 -8.12 -25.47 4.79
C LEU A 279 -8.65 -24.40 5.77
N TYR A 280 -9.67 -23.64 5.37
CA TYR A 280 -10.19 -22.60 6.26
C TYR A 280 -10.67 -23.20 7.57
N THR A 281 -11.26 -24.39 7.52
CA THR A 281 -11.76 -25.06 8.71
C THR A 281 -10.64 -25.68 9.54
N GLY A 282 -9.48 -25.96 8.93
CA GLY A 282 -8.32 -26.51 9.61
C GLY A 282 -7.28 -27.08 8.67
N PHE A 283 -5.99 -26.87 8.95
CA PHE A 283 -4.93 -27.56 8.22
C PHE A 283 -4.80 -29.00 8.69
N GLN A 284 -5.04 -29.24 9.98
CA GLN A 284 -5.02 -30.56 10.57
C GLN A 284 -3.58 -31.08 10.66
N GLY A 285 -2.75 -30.36 11.41
CA GLY A 285 -1.37 -30.74 11.62
C GLY A 285 -0.43 -30.50 10.46
N LYS A 286 -0.92 -30.54 9.23
CA LYS A 286 -0.01 -30.35 8.11
C LYS A 286 0.37 -28.88 8.00
N GLN A 287 1.49 -28.62 7.35
CA GLN A 287 1.89 -27.26 7.05
C GLN A 287 1.86 -27.04 5.53
N ILE A 288 1.93 -25.75 5.15
CA ILE A 288 2.00 -25.31 3.77
C ILE A 288 3.06 -24.22 3.71
N LEU A 289 4.17 -24.51 3.03
CA LEU A 289 5.32 -23.60 2.95
C LEU A 289 5.70 -23.11 4.34
N GLY A 290 5.69 -24.04 5.30
CA GLY A 290 6.03 -23.73 6.68
C GLY A 290 5.00 -22.95 7.45
N SER A 291 3.77 -22.87 6.97
CA SER A 291 2.71 -22.11 7.64
C SER A 291 1.57 -23.03 8.00
N THR A 292 0.88 -22.70 9.09
CA THR A 292 -0.29 -23.44 9.55
C THR A 292 -1.57 -22.64 9.39
N MET A 293 -1.48 -21.48 8.75
CA MET A 293 -2.66 -20.72 8.38
C MET A 293 -2.44 -20.19 6.97
N LEU A 294 -3.54 -19.77 6.35
CA LEU A 294 -3.49 -19.29 4.98
C LEU A 294 -2.82 -17.94 4.90
N GLU A 295 -2.10 -17.72 3.81
CA GLU A 295 -1.25 -16.54 3.61
C GLU A 295 -1.82 -15.75 2.45
N ASP A 296 -2.07 -14.45 2.67
CA ASP A 296 -2.66 -13.64 1.62
C ASP A 296 -1.87 -12.37 1.36
N GLU A 297 -0.60 -12.34 1.77
CA GLU A 297 0.30 -11.22 1.57
C GLU A 297 1.15 -11.34 0.33
N PHE A 298 1.00 -12.39 -0.49
CA PHE A 298 1.74 -12.52 -1.74
C PHE A 298 0.80 -12.58 -2.93
N THR A 299 1.07 -11.79 -3.95
CA THR A 299 0.16 -11.65 -5.08
C THR A 299 0.52 -12.63 -6.17
N PRO A 300 -0.41 -12.85 -7.13
CA PRO A 300 -0.06 -13.69 -8.29
C PRO A 300 1.13 -13.16 -9.04
N GLU A 301 1.21 -11.84 -9.15
CA GLU A 301 2.39 -11.25 -9.77
C GLU A 301 3.67 -11.58 -9.00
N ASP A 302 3.67 -11.52 -7.65
CA ASP A 302 4.89 -11.86 -6.90
C ASP A 302 5.33 -13.29 -7.21
N VAL A 303 4.38 -14.22 -7.20
CA VAL A 303 4.68 -15.61 -7.45
C VAL A 303 5.26 -15.78 -8.85
N ASN A 304 4.62 -15.20 -9.85
CA ASN A 304 5.14 -15.29 -11.23
C ASN A 304 6.56 -14.73 -11.33
N MET A 305 6.82 -13.59 -10.68
CA MET A 305 8.10 -12.91 -10.83
C MET A 305 9.21 -13.60 -10.03
N GLN A 306 8.94 -13.91 -8.76
CA GLN A 306 10.05 -14.38 -7.94
C GLN A 306 10.34 -15.85 -8.12
N ILE A 307 9.35 -16.64 -8.52
CA ILE A 307 9.56 -18.07 -8.68
C ILE A 307 9.84 -18.45 -10.13
N MET A 308 9.16 -17.81 -11.08
CA MET A 308 9.21 -18.18 -12.49
C MET A 308 9.95 -17.20 -13.39
N GLY A 309 10.39 -16.05 -12.90
CA GLY A 309 11.06 -15.11 -13.78
C GLY A 309 10.18 -14.42 -14.80
N VAL A 310 8.87 -14.30 -14.53
CA VAL A 310 7.93 -13.70 -15.48
C VAL A 310 7.43 -12.37 -14.91
N VAL A 311 7.82 -11.28 -15.56
CA VAL A 311 7.22 -9.97 -15.30
C VAL A 311 6.30 -9.64 -16.47
#